data_6Y7V
#
_entry.id   6Y7V
#
_cell.length_a   47.62
_cell.length_b   37.82
_cell.length_c   62.42
_cell.angle_alpha   90
_cell.angle_beta   95.18
_cell.angle_gamma   90
#
_symmetry.space_group_name_H-M   'P 1 21 1'
#
loop_
_entity.id
_entity.type
_entity.pdbx_description
1 polymer 'ER lumen protein-retaining receptor 2'
2 polymer GLU-HIS-ASP-GLU-LEU
3 non-polymer '(2R)-2,3-dihydroxypropyl (9Z)-octadec-9-enoate'
4 non-polymer 'CARBON DIOXIDE'
5 water water
#
loop_
_entity_poly.entity_id
_entity_poly.type
_entity_poly.pdbx_seq_one_letter_code
_entity_poly.pdbx_strand_id
1 'polypeptide(L)'
;MNIFRLTGDLSHLAAIIILLLKIWKSRSCAGISGKSQLLFALVFTTRYLDLFTSFISLYNTSMKLIYIACSYATVYLIYM
KFKATYDGNHDTFRVEFLIVPVGGLSFLVNHDFSPLEILWTFSIYLESVAILPQLFMISKTGEAETITTHYLFFLGLYRA
LYLVNWIWRYYFEGFFDLIAVVAGVVQTVLYCDFFYLYVTKVLKGKKLSLPA
;
A
2 'polypeptide(L)' EHDEL B
#
loop_
_chem_comp.id
_chem_comp.type
_chem_comp.name
_chem_comp.formula
CO2 non-polymer 'CARBON DIOXIDE' 'C O2'
OLC non-polymer '(2R)-2,3-dihydroxypropyl (9Z)-octadec-9-enoate' 'C21 H40 O4'
#
# COMPACT_ATOMS: atom_id res chain seq x y z
N MET A 1 -19.35 8.36 -3.70
CA MET A 1 -18.75 7.05 -3.98
C MET A 1 -19.15 6.56 -5.38
N ASN A 2 -18.19 6.01 -6.11
CA ASN A 2 -18.40 5.39 -7.43
C ASN A 2 -17.87 3.94 -7.36
N ILE A 3 -18.20 3.08 -8.35
CA ILE A 3 -17.79 1.68 -8.32
C ILE A 3 -16.29 1.45 -8.47
N PHE A 4 -15.56 2.40 -9.08
CA PHE A 4 -14.12 2.24 -9.26
C PHE A 4 -13.40 2.38 -7.93
N ARG A 5 -13.83 3.33 -7.10
CA ARG A 5 -13.23 3.52 -5.78
CA ARG A 5 -13.23 3.52 -5.79
C ARG A 5 -13.67 2.43 -4.82
N LEU A 6 -14.93 1.96 -4.93
CA LEU A 6 -15.42 0.90 -4.08
C LEU A 6 -14.67 -0.40 -4.37
N THR A 7 -14.52 -0.78 -5.67
CA THR A 7 -13.72 -1.97 -6.03
C THR A 7 -12.26 -1.78 -5.59
N GLY A 8 -11.73 -0.57 -5.73
CA GLY A 8 -10.37 -0.23 -5.31
C GLY A 8 -10.16 -0.40 -3.82
N ASP A 9 -11.14 0.03 -3.00
CA ASP A 9 -11.08 -0.11 -1.54
C ASP A 9 -11.22 -1.59 -1.13
N LEU A 10 -12.12 -2.32 -1.81
CA LEU A 10 -12.33 -3.75 -1.57
C LEU A 10 -11.10 -4.56 -2.02
N SER A 11 -10.41 -4.14 -3.08
CA SER A 11 -9.20 -4.82 -3.52
C SER A 11 -8.04 -4.60 -2.53
N HIS A 12 -7.99 -3.43 -1.91
CA HIS A 12 -7.00 -3.06 -0.93
C HIS A 12 -7.25 -3.88 0.34
N LEU A 13 -8.55 -3.99 0.79
CA LEU A 13 -8.91 -4.79 1.94
C LEU A 13 -8.60 -6.26 1.65
N ALA A 14 -8.88 -6.75 0.41
CA ALA A 14 -8.58 -8.14 0.03
C ALA A 14 -7.09 -8.44 0.19
N ALA A 15 -6.22 -7.59 -0.34
CA ALA A 15 -4.78 -7.76 -0.21
C ALA A 15 -4.35 -7.85 1.28
N ILE A 16 -4.81 -6.90 2.11
CA ILE A 16 -4.49 -6.84 3.52
C ILE A 16 -4.93 -8.11 4.29
N ILE A 17 -6.10 -8.67 3.96
CA ILE A 17 -6.63 -9.88 4.61
C ILE A 17 -5.90 -11.14 4.13
N ILE A 18 -5.62 -11.26 2.82
CA ILE A 18 -4.85 -12.37 2.24
C ILE A 18 -3.50 -12.50 2.98
N LEU A 19 -2.78 -11.37 3.13
CA LEU A 19 -1.50 -11.39 3.82
C LEU A 19 -1.61 -11.77 5.30
N LEU A 20 -2.52 -11.09 6.04
CA LEU A 20 -2.72 -11.34 7.47
C LEU A 20 -3.12 -12.79 7.76
N LEU A 21 -4.03 -13.33 6.97
CA LEU A 21 -4.51 -14.69 7.16
C LEU A 21 -3.47 -15.73 6.70
N LYS A 22 -2.64 -15.40 5.69
CA LYS A 22 -1.56 -16.27 5.24
C LYS A 22 -0.54 -16.45 6.36
N ILE A 23 -0.11 -15.35 6.99
CA ILE A 23 0.88 -15.41 8.08
C ILE A 23 0.29 -16.13 9.30
N TRP A 24 -0.97 -15.80 9.67
CA TRP A 24 -1.65 -16.37 10.82
C TRP A 24 -1.86 -17.88 10.76
N LYS A 25 -2.42 -18.39 9.65
CA LYS A 25 -2.69 -19.81 9.46
C LYS A 25 -1.41 -20.64 9.30
N SER A 26 -0.44 -20.16 8.52
CA SER A 26 0.81 -20.88 8.32
C SER A 26 1.80 -20.70 9.46
N ARG A 27 1.55 -19.75 10.40
CA ARG A 27 2.46 -19.44 11.52
C ARG A 27 3.87 -19.07 10.98
N SER A 28 3.93 -18.43 9.79
CA SER A 28 5.18 -18.05 9.17
C SER A 28 5.05 -16.81 8.32
N CYS A 29 6.09 -15.99 8.34
CA CYS A 29 6.14 -14.78 7.51
C CYS A 29 7.31 -14.85 6.51
N ALA A 30 7.68 -16.07 6.05
CA ALA A 30 8.75 -16.35 5.09
C ALA A 30 8.41 -15.69 3.75
N GLY A 31 9.38 -15.03 3.16
CA GLY A 31 9.19 -14.33 1.88
C GLY A 31 8.51 -12.98 1.96
N ILE A 32 8.17 -12.52 3.16
CA ILE A 32 7.48 -11.24 3.35
C ILE A 32 8.43 -10.18 3.84
N SER A 33 8.38 -9.00 3.24
CA SER A 33 9.20 -7.87 3.65
C SER A 33 8.52 -7.22 4.87
N GLY A 34 9.17 -7.30 6.03
CA GLY A 34 8.66 -6.66 7.23
C GLY A 34 8.74 -5.16 7.06
N LYS A 35 9.79 -4.67 6.38
CA LYS A 35 10.00 -3.25 6.07
C LYS A 35 8.86 -2.61 5.28
N SER A 36 8.29 -3.31 4.28
CA SER A 36 7.12 -2.77 3.54
C SER A 36 5.88 -2.72 4.40
N GLN A 37 5.75 -3.65 5.36
CA GLN A 37 4.59 -3.65 6.28
C GLN A 37 4.69 -2.50 7.27
N LEU A 38 5.91 -2.10 7.65
CA LEU A 38 6.18 -0.95 8.50
C LEU A 38 5.79 0.32 7.73
N LEU A 39 6.15 0.39 6.45
CA LEU A 39 5.86 1.55 5.64
C LEU A 39 4.38 1.72 5.43
N PHE A 40 3.65 0.63 5.17
CA PHE A 40 2.19 0.70 4.98
C PHE A 40 1.49 1.09 6.26
N ALA A 41 1.98 0.63 7.43
CA ALA A 41 1.38 1.02 8.70
C ALA A 41 1.64 2.52 8.97
N LEU A 42 2.81 3.02 8.59
CA LEU A 42 3.21 4.44 8.73
C LEU A 42 2.36 5.30 7.78
N VAL A 43 1.98 4.76 6.59
CA VAL A 43 1.10 5.46 5.64
C VAL A 43 -0.28 5.65 6.32
N PHE A 44 -0.86 4.61 6.86
CA PHE A 44 -2.18 4.68 7.51
C PHE A 44 -2.17 5.59 8.74
N THR A 45 -1.07 5.56 9.54
CA THR A 45 -0.91 6.37 10.74
C THR A 45 -0.87 7.85 10.41
N THR A 46 -0.09 8.25 9.41
CA THR A 46 0.00 9.66 9.01
C THR A 46 -1.21 10.14 8.16
N ARG A 47 -1.83 9.26 7.40
CA ARG A 47 -2.97 9.67 6.55
C ARG A 47 -4.29 9.84 7.28
N TYR A 48 -4.53 8.98 8.28
CA TYR A 48 -5.83 8.94 8.95
C TYR A 48 -5.90 9.69 10.24
N LEU A 49 -5.00 10.64 10.48
CA LEU A 49 -5.06 11.47 11.69
C LEU A 49 -6.37 12.30 11.73
N ASP A 50 -6.92 12.61 10.55
CA ASP A 50 -8.19 13.28 10.39
C ASP A 50 -9.35 12.50 10.99
N LEU A 51 -9.14 11.27 11.50
CA LEU A 51 -10.19 10.55 12.22
C LEU A 51 -10.68 11.38 13.44
N PHE A 52 -9.77 12.23 13.99
CA PHE A 52 -10.02 13.11 15.12
C PHE A 52 -10.56 14.50 14.74
N THR A 53 -10.66 14.85 13.45
CA THR A 53 -11.13 16.19 13.01
C THR A 53 -12.29 16.13 12.02
N SER A 54 -12.43 15.01 11.32
CA SER A 54 -13.44 14.91 10.27
C SER A 54 -14.23 13.62 10.28
N PHE A 55 -15.52 13.75 9.99
CA PHE A 55 -16.38 12.60 9.85
C PHE A 55 -16.98 12.65 8.44
N ILE A 56 -16.53 11.74 7.56
CA ILE A 56 -17.04 11.66 6.19
C ILE A 56 -18.24 10.71 6.15
N SER A 57 -18.09 9.51 6.74
CA SER A 57 -19.13 8.47 6.78
C SER A 57 -18.73 7.33 7.73
N LEU A 58 -19.69 6.47 8.11
CA LEU A 58 -19.42 5.29 8.94
C LEU A 58 -18.46 4.34 8.18
N TYR A 59 -18.66 4.21 6.86
CA TYR A 59 -17.82 3.42 5.98
C TYR A 59 -16.38 3.92 6.02
N ASN A 60 -16.16 5.23 5.82
CA ASN A 60 -14.86 5.88 5.80
C ASN A 60 -14.15 5.68 7.13
N THR A 61 -14.85 5.86 8.26
CA THR A 61 -14.28 5.67 9.60
C THR A 61 -13.89 4.20 9.83
N SER A 62 -14.81 3.26 9.56
CA SER A 62 -14.61 1.84 9.74
C SER A 62 -13.48 1.31 8.88
N MET A 63 -13.37 1.75 7.62
CA MET A 63 -12.30 1.30 6.73
C MET A 63 -10.95 1.74 7.28
N LYS A 64 -10.85 3.00 7.72
CA LYS A 64 -9.65 3.56 8.31
C LYS A 64 -9.20 2.75 9.53
N LEU A 65 -10.12 2.47 10.48
CA LEU A 65 -9.86 1.66 11.68
C LEU A 65 -9.46 0.22 11.31
N ILE A 66 -10.08 -0.36 10.28
CA ILE A 66 -9.73 -1.72 9.86
C ILE A 66 -8.31 -1.75 9.25
N TYR A 67 -7.97 -0.76 8.41
CA TYR A 67 -6.64 -0.67 7.79
C TYR A 67 -5.56 -0.49 8.86
N ILE A 68 -5.76 0.45 9.83
CA ILE A 68 -4.82 0.67 10.92
C ILE A 68 -4.63 -0.64 11.72
N ALA A 69 -5.74 -1.30 12.15
CA ALA A 69 -5.66 -2.53 12.94
C ALA A 69 -4.98 -3.69 12.21
N CYS A 70 -5.34 -3.92 10.95
CA CYS A 70 -4.74 -4.99 10.14
C CYS A 70 -3.29 -4.71 9.77
N SER A 71 -2.90 -3.43 9.61
CA SER A 71 -1.52 -3.11 9.28
C SER A 71 -0.64 -3.27 10.50
N TYR A 72 -1.10 -2.78 11.64
CA TYR A 72 -0.38 -2.95 12.90
C TYR A 72 -0.32 -4.41 13.31
N ALA A 73 -1.40 -5.18 13.08
CA ALA A 73 -1.40 -6.61 13.44
C ALA A 73 -0.39 -7.40 12.57
N THR A 74 -0.31 -7.11 11.26
CA THR A 74 0.66 -7.74 10.35
C THR A 74 2.09 -7.45 10.84
N VAL A 75 2.38 -6.21 11.26
CA VAL A 75 3.69 -5.84 11.78
C VAL A 75 3.98 -6.63 13.07
N TYR A 76 2.96 -6.76 13.95
CA TYR A 76 3.09 -7.53 15.18
C TYR A 76 3.42 -9.02 14.88
N LEU A 77 2.79 -9.62 13.88
CA LEU A 77 3.00 -11.03 13.56
C LEU A 77 4.39 -11.26 12.98
N ILE A 78 4.91 -10.31 12.21
CA ILE A 78 6.23 -10.46 11.57
C ILE A 78 7.34 -10.23 12.58
N TYR A 79 7.30 -9.11 13.29
CA TYR A 79 8.37 -8.73 14.19
C TYR A 79 8.29 -9.30 15.61
N MET A 80 7.11 -9.73 16.06
CA MET A 80 7.00 -10.25 17.41
C MET A 80 6.58 -11.71 17.46
N LYS A 81 5.33 -12.04 17.07
CA LYS A 81 4.85 -13.41 17.17
C LYS A 81 5.59 -14.45 16.30
N PHE A 82 5.78 -14.22 14.99
CA PHE A 82 6.44 -15.21 14.13
C PHE A 82 7.80 -14.72 13.67
N LYS A 83 8.53 -14.03 14.56
CA LYS A 83 9.83 -13.45 14.21
C LYS A 83 10.90 -14.51 13.88
N ALA A 84 10.71 -15.75 14.34
CA ALA A 84 11.65 -16.83 14.02
C ALA A 84 11.67 -17.11 12.49
N THR A 85 10.57 -16.85 11.78
CA THR A 85 10.51 -17.07 10.34
C THR A 85 10.68 -15.79 9.52
N TYR A 86 10.97 -14.63 10.18
CA TYR A 86 11.20 -13.39 9.45
C TYR A 86 12.58 -13.45 8.82
N ASP A 87 12.61 -13.30 7.51
CA ASP A 87 13.85 -13.38 6.75
C ASP A 87 14.51 -12.00 6.65
N GLY A 88 15.13 -11.59 7.76
CA GLY A 88 15.82 -10.32 7.88
C GLY A 88 17.02 -10.20 6.95
N ASN A 89 17.67 -11.32 6.66
CA ASN A 89 18.82 -11.35 5.77
C ASN A 89 18.51 -11.06 4.31
N HIS A 90 17.26 -11.25 3.90
CA HIS A 90 16.86 -10.95 2.53
C HIS A 90 15.97 -9.68 2.44
N ASP A 91 15.52 -9.13 3.57
CA ASP A 91 14.73 -7.91 3.59
C ASP A 91 15.72 -6.77 3.88
N THR A 92 16.64 -6.51 2.93
CA THR A 92 17.73 -5.58 3.16
C THR A 92 17.57 -4.18 2.55
N PHE A 93 16.39 -3.84 2.03
CA PHE A 93 16.18 -2.50 1.46
C PHE A 93 16.37 -1.44 2.56
N ARG A 94 17.18 -0.42 2.26
CA ARG A 94 17.45 0.65 3.21
C ARG A 94 16.31 1.66 3.07
N VAL A 95 15.32 1.56 3.99
CA VAL A 95 14.10 2.40 3.96
C VAL A 95 14.36 3.89 4.24
N GLU A 96 15.56 4.24 4.75
CA GLU A 96 15.97 5.64 5.00
C GLU A 96 15.99 6.42 3.68
N PHE A 97 16.34 5.76 2.56
CA PHE A 97 16.31 6.35 1.23
C PHE A 97 14.89 6.64 0.73
N LEU A 98 13.88 6.10 1.40
CA LEU A 98 12.50 6.38 1.04
C LEU A 98 11.94 7.43 2.00
N ILE A 99 12.00 7.17 3.32
CA ILE A 99 11.45 8.04 4.36
C ILE A 99 12.03 9.45 4.38
N VAL A 100 13.37 9.59 4.46
CA VAL A 100 13.98 10.92 4.56
C VAL A 100 13.66 11.80 3.31
N PRO A 101 13.89 11.37 2.03
CA PRO A 101 13.49 12.24 0.91
C PRO A 101 11.97 12.46 0.80
N VAL A 102 11.13 11.43 1.01
CA VAL A 102 9.67 11.65 0.93
C VAL A 102 9.18 12.61 2.02
N GLY A 103 9.84 12.60 3.19
CA GLY A 103 9.56 13.51 4.29
C GLY A 103 9.89 14.93 3.85
N GLY A 104 11.07 15.09 3.25
CA GLY A 104 11.53 16.37 2.72
C GLY A 104 10.59 16.91 1.67
N LEU A 105 10.14 16.06 0.73
CA LEU A 105 9.21 16.46 -0.33
C LEU A 105 7.81 16.86 0.18
N SER A 106 7.33 16.20 1.23
CA SER A 106 6.01 16.48 1.78
C SER A 106 5.99 17.86 2.47
N PHE A 107 7.13 18.27 3.05
CA PHE A 107 7.25 19.57 3.67
C PHE A 107 7.31 20.63 2.61
N LEU A 108 8.01 20.41 1.48
CA LEU A 108 8.19 21.40 0.42
C LEU A 108 7.06 21.47 -0.62
N VAL A 109 6.52 20.34 -1.06
CA VAL A 109 5.47 20.28 -2.09
C VAL A 109 4.19 19.71 -1.52
N ASN A 110 3.25 20.59 -1.15
CA ASN A 110 1.98 20.21 -0.54
C ASN A 110 0.87 21.19 -0.91
N HIS A 111 -0.40 20.89 -0.56
CA HIS A 111 -1.49 21.84 -0.84
C HIS A 111 -1.56 22.95 0.23
N ASP A 112 -1.01 22.70 1.44
CA ASP A 112 -1.00 23.66 2.54
C ASP A 112 0.08 23.34 3.56
N PHE A 113 0.75 24.39 4.06
CA PHE A 113 1.82 24.25 5.06
C PHE A 113 1.27 24.24 6.48
N SER A 114 0.75 23.11 6.89
CA SER A 114 0.21 22.89 8.23
C SER A 114 0.49 21.44 8.58
N PRO A 115 0.64 21.09 9.88
CA PRO A 115 1.01 19.72 10.24
C PRO A 115 0.11 18.60 9.68
N LEU A 116 -1.22 18.74 9.77
CA LEU A 116 -2.11 17.69 9.26
C LEU A 116 -1.97 17.48 7.74
N GLU A 117 -1.89 18.55 6.96
CA GLU A 117 -1.72 18.46 5.51
C GLU A 117 -0.34 17.92 5.11
N ILE A 118 0.71 18.33 5.80
CA ILE A 118 2.08 17.86 5.52
C ILE A 118 2.17 16.36 5.78
N LEU A 119 1.54 15.90 6.88
CA LEU A 119 1.53 14.49 7.26
C LEU A 119 0.74 13.68 6.27
N TRP A 120 -0.39 14.23 5.76
CA TRP A 120 -1.20 13.55 4.75
C TRP A 120 -0.39 13.41 3.46
N THR A 121 0.33 14.46 3.07
CA THR A 121 1.16 14.46 1.86
C THR A 121 2.26 13.39 1.97
N PHE A 122 2.87 13.26 3.18
CA PHE A 122 3.89 12.26 3.46
C PHE A 122 3.34 10.87 3.21
N SER A 123 2.10 10.61 3.69
CA SER A 123 1.44 9.32 3.51
C SER A 123 1.24 9.00 2.00
N ILE A 124 0.87 10.02 1.21
CA ILE A 124 0.66 9.87 -0.24
C ILE A 124 2.00 9.54 -0.98
N TYR A 125 3.05 10.28 -0.68
CA TYR A 125 4.35 10.03 -1.34
C TYR A 125 4.96 8.71 -0.90
N LEU A 126 4.85 8.41 0.41
CA LEU A 126 5.37 7.17 0.98
C LEU A 126 4.65 5.96 0.42
N GLU A 127 3.32 6.04 0.21
CA GLU A 127 2.59 4.87 -0.30
C GLU A 127 3.04 4.49 -1.71
N SER A 128 3.36 5.50 -2.52
CA SER A 128 3.83 5.29 -3.90
C SER A 128 5.09 4.42 -3.97
N VAL A 129 5.92 4.43 -2.92
CA VAL A 129 7.16 3.65 -2.92
C VAL A 129 7.24 2.58 -1.79
N ALA A 130 6.14 2.42 -0.99
CA ALA A 130 6.10 1.51 0.15
C ALA A 130 6.32 0.04 -0.20
N ILE A 131 5.90 -0.40 -1.40
CA ILE A 131 6.07 -1.80 -1.82
C ILE A 131 7.49 -2.12 -2.30
N LEU A 132 8.34 -1.09 -2.55
CA LEU A 132 9.73 -1.30 -3.03
C LEU A 132 10.51 -2.33 -2.21
N PRO A 133 10.51 -2.31 -0.84
CA PRO A 133 11.24 -3.34 -0.10
C PRO A 133 10.75 -4.76 -0.39
N GLN A 134 9.44 -4.97 -0.61
CA GLN A 134 8.89 -6.29 -0.91
C GLN A 134 9.31 -6.77 -2.31
N LEU A 135 9.21 -5.90 -3.34
CA LEU A 135 9.63 -6.27 -4.68
C LEU A 135 11.14 -6.55 -4.71
N PHE A 136 11.93 -5.73 -3.99
CA PHE A 136 13.39 -5.87 -3.90
C PHE A 136 13.77 -7.21 -3.23
N MET A 137 12.97 -7.67 -2.26
CA MET A 137 13.17 -8.93 -1.54
C MET A 137 12.91 -10.12 -2.47
N ILE A 138 11.83 -10.05 -3.27
CA ILE A 138 11.46 -11.09 -4.23
C ILE A 138 12.54 -11.23 -5.32
N SER A 139 13.08 -10.10 -5.81
CA SER A 139 14.14 -10.15 -6.82
C SER A 139 15.43 -10.75 -6.26
N LYS A 140 15.73 -10.47 -4.97
CA LYS A 140 16.91 -10.99 -4.30
C LYS A 140 16.77 -12.49 -4.05
N THR A 141 15.67 -12.93 -3.45
CA THR A 141 15.43 -14.35 -3.19
C THR A 141 15.14 -15.16 -4.45
N GLY A 142 14.76 -14.51 -5.54
CA GLY A 142 14.50 -15.18 -6.80
C GLY A 142 13.06 -15.57 -7.07
N GLU A 143 12.35 -16.05 -6.05
CA GLU A 143 10.96 -16.47 -6.23
C GLU A 143 10.00 -15.72 -5.32
N ALA A 144 8.70 -15.89 -5.60
CA ALA A 144 7.61 -15.40 -4.81
C ALA A 144 6.55 -16.51 -4.74
N GLU A 145 6.09 -16.87 -3.53
CA GLU A 145 5.03 -17.86 -3.32
C GLU A 145 3.74 -17.39 -4.03
N THR A 146 2.85 -18.30 -4.46
CA THR A 146 1.62 -17.89 -5.17
C THR A 146 0.73 -16.95 -4.34
N ILE A 147 0.56 -17.23 -3.04
CA ILE A 147 -0.26 -16.38 -2.18
C ILE A 147 0.32 -14.96 -2.09
N THR A 148 1.67 -14.85 -2.07
CA THR A 148 2.35 -13.56 -2.07
C THR A 148 2.06 -12.80 -3.37
N THR A 149 2.02 -13.49 -4.53
CA THR A 149 1.73 -12.83 -5.79
C THR A 149 0.28 -12.35 -5.85
N HIS A 150 -0.67 -13.08 -5.22
CA HIS A 150 -2.08 -12.67 -5.17
C HIS A 150 -2.23 -11.42 -4.33
N TYR A 151 -1.48 -11.33 -3.21
CA TYR A 151 -1.41 -10.17 -2.34
C TYR A 151 -0.93 -8.96 -3.17
N LEU A 152 0.21 -9.10 -3.90
CA LEU A 152 0.74 -8.04 -4.76
C LEU A 152 -0.20 -7.65 -5.90
N PHE A 153 -0.91 -8.62 -6.49
CA PHE A 153 -1.87 -8.31 -7.52
C PHE A 153 -3.00 -7.42 -7.01
N PHE A 154 -3.66 -7.79 -5.90
CA PHE A 154 -4.79 -7.01 -5.36
C PHE A 154 -4.35 -5.65 -4.80
N LEU A 155 -3.12 -5.56 -4.28
CA LEU A 155 -2.55 -4.32 -3.79
C LEU A 155 -2.22 -3.37 -4.96
N GLY A 156 -1.67 -3.92 -6.04
CA GLY A 156 -1.34 -3.16 -7.24
C GLY A 156 -2.57 -2.72 -8.00
N LEU A 157 -3.59 -3.57 -8.02
CA LEU A 157 -4.86 -3.23 -8.70
C LEU A 157 -5.62 -2.11 -7.96
N TYR A 158 -5.46 -2.02 -6.63
CA TYR A 158 -6.18 -1.04 -5.82
C TYR A 158 -5.90 0.42 -6.27
N ARG A 159 -4.62 0.83 -6.32
CA ARG A 159 -4.32 2.21 -6.69
C ARG A 159 -4.55 2.44 -8.19
N ALA A 160 -4.52 1.38 -9.03
CA ALA A 160 -4.84 1.48 -10.45
C ALA A 160 -6.34 1.81 -10.58
N LEU A 161 -7.19 1.20 -9.74
CA LEU A 161 -8.63 1.51 -9.73
C LEU A 161 -8.91 2.94 -9.24
N TYR A 162 -8.04 3.44 -8.35
CA TYR A 162 -8.09 4.80 -7.87
C TYR A 162 -7.82 5.80 -8.98
N LEU A 163 -6.94 5.45 -9.97
CA LEU A 163 -6.68 6.32 -11.11
C LEU A 163 -7.95 6.45 -11.94
N VAL A 164 -8.64 5.33 -12.19
CA VAL A 164 -9.90 5.37 -12.94
C VAL A 164 -10.96 6.20 -12.19
N ASN A 165 -10.99 6.08 -10.87
CA ASN A 165 -11.86 6.82 -9.96
C ASN A 165 -11.59 8.31 -10.11
N TRP A 166 -10.31 8.72 -10.22
CA TRP A 166 -9.97 10.14 -10.37
C TRP A 166 -10.38 10.71 -11.71
N ILE A 167 -10.42 9.88 -12.78
CA ILE A 167 -10.92 10.35 -14.09
C ILE A 167 -12.42 10.61 -13.95
N TRP A 168 -13.14 9.66 -13.31
CA TRP A 168 -14.56 9.69 -13.03
C TRP A 168 -14.92 10.96 -12.23
N ARG A 169 -14.23 11.21 -11.09
CA ARG A 169 -14.47 12.37 -10.24
C ARG A 169 -14.13 13.67 -10.95
N TYR A 170 -13.10 13.68 -11.80
CA TYR A 170 -12.75 14.89 -12.55
C TYR A 170 -13.85 15.22 -13.57
N TYR A 171 -14.33 14.22 -14.32
CA TYR A 171 -15.36 14.43 -15.33
C TYR A 171 -16.72 14.77 -14.72
N PHE A 172 -17.21 13.97 -13.76
CA PHE A 172 -18.53 14.15 -13.16
C PHE A 172 -18.63 15.16 -11.99
N GLU A 173 -17.57 15.35 -11.20
CA GLU A 173 -17.62 16.28 -10.07
C GLU A 173 -16.73 17.51 -10.20
N GLY A 174 -15.85 17.52 -11.17
CA GLY A 174 -14.90 18.62 -11.36
C GLY A 174 -13.85 18.66 -10.26
N PHE A 175 -13.58 17.49 -9.62
CA PHE A 175 -12.61 17.37 -8.53
C PHE A 175 -11.25 16.87 -9.06
N PHE A 176 -10.17 17.50 -8.62
CA PHE A 176 -8.84 17.15 -9.08
C PHE A 176 -7.78 17.41 -8.02
N ASP A 177 -6.98 16.37 -7.69
CA ASP A 177 -5.90 16.52 -6.73
C ASP A 177 -4.61 15.97 -7.36
N LEU A 178 -3.78 16.85 -7.92
CA LEU A 178 -2.54 16.48 -8.61
C LEU A 178 -1.53 15.70 -7.77
N ILE A 179 -1.52 15.92 -6.44
CA ILE A 179 -0.58 15.20 -5.58
C ILE A 179 -0.97 13.71 -5.48
N ALA A 180 -2.27 13.41 -5.25
CA ALA A 180 -2.76 12.06 -5.18
C ALA A 180 -2.57 11.37 -6.53
N VAL A 181 -2.92 12.07 -7.66
CA VAL A 181 -2.80 11.57 -9.02
C VAL A 181 -1.36 11.22 -9.38
N VAL A 182 -0.43 12.20 -9.30
CA VAL A 182 0.97 11.92 -9.68
C VAL A 182 1.57 10.79 -8.85
N ALA A 183 1.34 10.80 -7.53
CA ALA A 183 1.83 9.75 -6.67
C ALA A 183 1.18 8.40 -7.00
N GLY A 184 -0.09 8.41 -7.42
CA GLY A 184 -0.83 7.23 -7.82
C GLY A 184 -0.32 6.62 -9.11
N VAL A 185 0.15 7.45 -10.06
CA VAL A 185 0.73 6.90 -11.29
C VAL A 185 2.11 6.30 -10.99
N VAL A 186 2.91 6.93 -10.13
CA VAL A 186 4.20 6.41 -9.69
C VAL A 186 4.00 5.05 -8.99
N GLN A 187 2.95 4.97 -8.14
CA GLN A 187 2.61 3.78 -7.36
C GLN A 187 2.29 2.62 -8.27
N THR A 188 1.52 2.87 -9.33
CA THR A 188 1.08 1.86 -10.29
C THR A 188 2.20 1.44 -11.26
N VAL A 189 3.00 2.40 -11.77
CA VAL A 189 4.10 2.04 -12.68
C VAL A 189 5.15 1.16 -12.02
N LEU A 190 5.30 1.22 -10.68
CA LEU A 190 6.28 0.34 -10.01
C LEU A 190 5.85 -1.14 -10.01
N TYR A 191 4.56 -1.41 -10.36
CA TYR A 191 3.99 -2.75 -10.51
C TYR A 191 4.00 -3.24 -11.96
N CYS A 192 4.47 -2.45 -12.94
CA CYS A 192 4.44 -2.86 -14.34
C CYS A 192 5.12 -4.22 -14.62
N ASP A 193 6.36 -4.42 -14.15
CA ASP A 193 7.05 -5.71 -14.39
C ASP A 193 6.33 -6.82 -13.66
N PHE A 194 5.85 -6.57 -12.44
CA PHE A 194 5.10 -7.58 -11.70
C PHE A 194 3.81 -7.96 -12.45
N PHE A 195 3.03 -6.98 -12.92
CA PHE A 195 1.76 -7.26 -13.62
C PHE A 195 1.99 -8.12 -14.85
N TYR A 196 2.98 -7.73 -15.69
CA TYR A 196 3.34 -8.46 -16.89
C TYR A 196 3.72 -9.92 -16.57
N LEU A 197 4.55 -10.12 -15.53
CA LEU A 197 4.97 -11.43 -15.09
C LEU A 197 3.84 -12.23 -14.42
N TYR A 198 2.95 -11.59 -13.66
CA TYR A 198 1.79 -12.24 -13.04
C TYR A 198 0.83 -12.76 -14.11
N VAL A 199 0.53 -11.93 -15.13
CA VAL A 199 -0.40 -12.36 -16.19
C VAL A 199 0.22 -13.44 -17.12
N THR A 200 1.45 -13.22 -17.60
CA THR A 200 2.10 -14.17 -18.51
C THR A 200 2.65 -15.44 -17.85
N LYS A 201 3.04 -15.38 -16.56
CA LYS A 201 3.61 -16.51 -15.86
C LYS A 201 2.70 -17.10 -14.77
N VAL A 202 2.40 -16.35 -13.67
CA VAL A 202 1.57 -16.83 -12.55
C VAL A 202 0.17 -17.33 -12.98
N LEU A 203 -0.58 -16.55 -13.79
CA LEU A 203 -1.89 -16.99 -14.26
C LEU A 203 -1.80 -18.16 -15.29
N LYS A 204 -0.59 -18.54 -15.73
CA LYS A 204 -0.35 -19.68 -16.62
C LYS A 204 0.41 -20.85 -15.92
N GLY A 205 0.43 -20.83 -14.57
CA GLY A 205 1.07 -21.87 -13.76
C GLY A 205 2.58 -21.87 -13.73
N LYS A 206 3.19 -20.74 -14.08
CA LYS A 206 4.64 -20.60 -14.10
C LYS A 206 5.16 -19.75 -12.91
N LYS A 207 6.50 -19.71 -12.74
CA LYS A 207 7.22 -19.00 -11.69
C LYS A 207 7.30 -17.50 -11.96
N LEU A 208 7.09 -16.67 -10.91
CA LEU A 208 7.17 -15.21 -10.96
C LEU A 208 8.64 -14.90 -10.69
N SER A 209 9.43 -14.59 -11.73
CA SER A 209 10.85 -14.31 -11.54
C SER A 209 11.28 -12.85 -11.76
N LEU A 210 11.45 -12.08 -10.67
CA LEU A 210 11.91 -10.70 -10.76
C LEU A 210 13.45 -10.65 -10.72
N GLU B 1 -11.39 19.05 1.64
CA GLU B 1 -11.44 17.85 2.48
C GLU B 1 -10.95 16.62 1.75
N HIS B 2 -10.37 15.66 2.51
CA HIS B 2 -9.87 14.39 2.01
C HIS B 2 -10.88 13.33 2.37
N ASP B 3 -11.72 12.95 1.41
CA ASP B 3 -12.83 12.01 1.57
C ASP B 3 -12.57 10.61 1.02
N GLU B 4 -11.33 10.28 0.69
CA GLU B 4 -10.94 8.97 0.18
C GLU B 4 -10.09 8.21 1.21
N LEU B 5 -9.59 7.02 0.87
CA LEU B 5 -8.71 6.27 1.76
C LEU B 5 -7.26 6.22 1.18
C18 OLC C . 10.83 5.49 -8.06
C10 OLC C . 6.86 11.73 -7.37
C9 OLC C . 6.06 12.40 -6.54
C17 OLC C . 9.96 6.57 -8.70
C11 OLC C . 6.99 11.98 -8.85
C8 OLC C . 5.12 13.50 -6.90
C24 OLC C . 2.28 23.19 -4.57
C16 OLC C . 10.75 7.37 -9.74
C12 OLC C . 8.49 11.94 -9.23
C7 OLC C . 5.77 14.90 -6.73
C15 OLC C . 9.89 8.47 -10.40
C13 OLC C . 8.80 10.76 -10.16
C6 OLC C . 4.73 15.99 -6.43
C14 OLC C . 9.46 9.58 -9.41
C5 OLC C . 3.66 16.10 -7.53
C4 OLC C . 3.48 17.55 -8.01
C3 OLC C . 2.52 18.39 -7.14
C2 OLC C . 2.77 19.88 -7.42
C21 OLC C . 0.24 21.95 -5.61
C1 OLC C . 1.55 20.77 -7.24
C22 OLC C . 0.72 23.07 -4.63
O19 OLC C . 0.80 21.20 -8.11
O25 OLC C . 2.54 24.18 -3.59
O23 OLC C . 0.08 24.28 -4.90
O20 OLC C . 1.36 21.11 -5.91
C18 OLC D . 8.57 18.63 -7.56
C10 OLC D . 11.74 10.98 -4.95
C9 OLC D . 12.30 9.80 -4.66
C17 OLC D . 8.98 17.19 -7.82
C11 OLC D . 12.42 12.31 -4.97
C8 OLC D . 13.74 9.55 -4.29
C24 OLC D . 24.23 3.17 -3.00
C16 OLC D . 10.41 16.89 -7.34
C12 OLC D . 11.80 13.18 -6.09
C7 OLC D . 14.02 8.03 -4.31
C15 OLC D . 10.87 15.53 -7.88
C13 OLC D . 12.47 14.58 -6.14
C6 OLC D . 15.44 7.73 -3.79
C14 OLC D . 12.33 15.23 -7.53
C5 OLC D . 15.88 6.30 -4.11
C4 OLC D . 17.27 6.03 -3.52
C3 OLC D . 17.76 4.62 -3.89
C2 OLC D . 19.13 4.32 -3.24
C21 OLC D . 21.81 3.38 -2.41
C1 OLC D . 19.92 3.32 -4.08
C22 OLC D . 23.05 2.44 -2.31
O19 OLC D . 19.54 2.80 -5.11
O25 OLC D . 25.35 2.35 -2.78
O23 OLC D . 23.33 2.02 -1.00
O20 OLC D . 21.18 2.95 -3.62
C18 OLC E . -11.23 4.86 -20.48
C10 OLC E . -17.55 9.22 -19.03
C9 OLC E . -18.57 9.11 -19.90
C17 OLC E . -12.31 5.63 -19.69
C11 OLC E . -16.92 8.08 -18.31
C8 OLC E . -19.19 10.27 -20.59
C24 OLC E . -26.74 17.35 -17.82
C16 OLC E . -12.33 5.24 -18.20
C12 OLC E . -16.00 8.58 -17.19
C7 OLC E . -20.64 9.93 -20.98
C15 OLC E . -13.67 5.53 -17.53
C13 OLC E . -15.16 7.40 -16.64
C6 OLC E . -21.51 9.57 -19.76
C14 OLC E . -14.10 7.01 -17.68
C5 OLC E . -22.71 10.54 -19.66
C4 OLC E . -22.31 11.83 -18.96
C3 OLC E . -22.67 13.05 -19.81
C2 OLC E . -24.11 13.42 -19.58
C21 OLC E . -25.32 16.89 -19.87
C1 OLC E . -24.44 14.68 -20.30
C22 OLC E . -25.41 17.73 -18.54
O19 OLC E . -24.35 14.93 -21.51
O25 OLC E . -27.72 18.13 -18.44
O23 OLC E . -24.30 17.56 -17.73
O20 OLC E . -24.94 15.60 -19.42
C18 OLC F . -19.24 -1.51 -12.88
C10 OLC F . -12.55 -5.49 -11.02
C9 OLC F . -11.75 -6.49 -10.59
C17 OLC F . -18.31 -1.33 -14.08
C11 OLC F . -12.66 -5.03 -12.43
C8 OLC F . -10.84 -7.33 -11.44
C24 OLC F . -4.52 -18.01 -10.18
C16 OLC F . -16.87 -1.03 -13.66
C12 OLC F . -14.00 -4.31 -12.66
C7 OLC F . -10.90 -8.76 -10.94
C15 OLC F . -16.23 -2.24 -12.95
C13 OLC F . -14.14 -3.07 -11.76
C6 OLC F . -9.78 -9.62 -11.55
C14 OLC F . -14.80 -1.90 -12.50
C5 OLC F . -9.81 -11.01 -10.89
C4 OLC F . -8.50 -11.74 -11.11
C3 OLC F . -8.39 -12.85 -10.06
C2 OLC F . -7.21 -13.76 -10.34
C21 OLC F . -6.45 -17.07 -8.78
C1 OLC F . -7.05 -14.76 -9.23
C22 OLC F . -5.98 -18.27 -9.65
O19 OLC F . -7.22 -14.58 -8.03
O25 OLC F . -3.61 -18.59 -9.27
O23 OLC F . -6.10 -19.47 -8.96
O20 OLC F . -6.66 -15.99 -9.71
C18 OLC G . 0.38 13.98 -15.18
C10 OLC G . 4.41 6.05 -17.85
C9 OLC G . 5.01 4.90 -18.17
C17 OLC G . 1.20 12.71 -15.19
C11 OLC G . 3.07 6.23 -17.21
C8 OLC G . 4.47 3.52 -17.96
C24 OLC G . 12.66 -1.42 -10.03
C16 OLC G . 0.67 11.76 -16.27
C12 OLC G . 2.74 7.73 -17.21
C7 OLC G . 5.63 2.50 -18.04
C15 OLC G . 1.40 10.38 -16.22
C13 OLC G . 1.24 7.95 -16.93
C6 OLC G . 6.55 2.54 -16.78
C14 OLC G . 0.82 9.40 -17.24
C5 OLC G . 7.79 1.68 -17.00
C4 OLC G . 8.65 1.53 -15.72
C3 OLC G . 8.34 0.20 -15.02
C2 OLC G . 9.33 -0.12 -13.87
C21 OLC G . 11.10 -1.61 -12.03
C1 OLC G . 8.85 -1.38 -13.15
C22 OLC G . 11.26 -1.92 -10.51
O19 OLC G . 7.73 -1.86 -13.20
O25 OLC G . 12.64 -1.58 -8.64
O23 OLC G . 10.21 -1.39 -9.77
O20 OLC G . 9.75 -2.02 -12.32
C18 OLC H . -7.99 11.25 -19.59
C10 OLC H . -6.55 1.36 -18.86
C9 OLC H . -5.84 0.26 -18.56
C17 OLC H . -7.10 10.11 -19.12
C11 OLC H . -5.99 2.61 -19.46
C8 OLC H . -4.37 0.07 -18.78
C24 OLC H . -0.01 -7.91 -22.59
C16 OLC H . -7.60 8.76 -19.66
C12 OLC H . -7.04 3.75 -19.46
C7 OLC H . -4.09 -1.37 -19.27
C15 OLC H . -6.64 7.62 -19.27
C13 OLC H . -6.32 5.11 -19.48
C6 OLC H . -2.90 -1.38 -20.24
C14 OLC H . -7.34 6.26 -19.43
C5 OLC H . -2.71 -2.77 -20.89
C4 OLC H . -1.93 -3.73 -19.99
C3 OLC H . -2.73 -5.02 -19.78
C2 OLC H . -2.30 -5.74 -18.50
C21 OLC H . 0.49 -7.51 -20.13
C1 OLC H . -0.89 -6.25 -18.62
C22 OLC H . 0.14 -8.59 -21.20
O19 OLC H . 0.03 -6.11 -17.83
O25 OLC H . 0.06 -8.96 -23.53
O23 OLC H . 1.08 -9.61 -21.22
O20 OLC H . -0.75 -6.92 -19.80
C CO2 I . -7.63 18.43 4.07
O1 CO2 I . -8.26 18.61 3.11
O2 CO2 I . -6.99 18.23 5.04
#